data_1LON
#
_entry.id   1LON
#
_cell.length_a   70.780
_cell.length_b   70.780
_cell.length_c   195.630
_cell.angle_alpha   90.00
_cell.angle_beta   90.00
_cell.angle_gamma   90.00
#
_symmetry.space_group_name_H-M   'P 43 21 2'
#
loop_
_entity.id
_entity.type
_entity.pdbx_description
1 polymer 'adenylosuccinate synthetase'
2 non-polymer 'MAGNESIUM ION'
3 non-polymer '6-O-PHOSPHORYL INOSINE MONOPHOSPHATE'
4 non-polymer HADACIDIN
5 non-polymer "GUANOSINE-5'-DIPHOSPHATE"
6 water water
#
_entity_poly.entity_id   1
_entity_poly.type   'polypeptide(L)'
_entity_poly.pdbx_seq_one_letter_code
;MSGTRASNDRPPGTGGVKRGRLQQEAAATGSRVTVVLGAQWGDEGKGKVVDLLATDADIVSRCQGGNNAGHTVVVDGKEY
DFHLLPSGIINTKAVSFIGNGVVIHLPGLFEEAEKNEKKGLKDWEKRLIISDRAHLVFDFHQAVDGLQEVQRQAQEGKNI
GTTKKGIGPTYSSKAARTGLRICDLLSDFDEFSARFKNLAHQHQSMFPTLEIDVEGQLKRLKGFAERIRPMVRDGVYFMY
EALHGPPKKVLVEGANAALLDIDFGTYPFVTSSNCTVGGVCTGLGIPPQNIGDVYGVVKAYTTRVGIGAFPTEQINEIGD
LLQNRGHEWGVTTGRKRRCGWLDLMILRYAHMVNGFTALALTKLDILDVLSEIKVGISYKLNGKRIPYFPANQEILQKVE
VEYETLPGWKADTTGARKWEDLPPQAQSYVRFVENHMGVAVKWVGVGKSRESMIQLF
;
_entity_poly.pdbx_strand_id   A
#
# COMPACT_ATOMS: atom_id res chain seq x y z
N ALA A 27 -30.31 1.71 7.19
CA ALA A 27 -29.67 0.80 8.19
C ALA A 27 -29.86 -0.64 7.75
N ALA A 28 -30.87 -0.87 6.92
CA ALA A 28 -31.16 -2.20 6.42
C ALA A 28 -29.94 -2.67 5.61
N THR A 29 -29.41 -1.73 4.81
CA THR A 29 -28.24 -1.98 3.97
C THR A 29 -26.99 -2.35 4.77
N GLY A 30 -26.79 -1.73 5.93
CA GLY A 30 -25.63 -2.03 6.74
C GLY A 30 -24.75 -0.83 7.00
N SER A 31 -23.69 -1.03 7.76
CA SER A 31 -22.75 0.04 8.10
C SER A 31 -21.81 0.29 6.93
N ARG A 32 -21.10 1.41 6.97
CA ARG A 32 -20.17 1.75 5.90
C ARG A 32 -18.73 1.75 6.43
N VAL A 33 -17.83 1.09 5.70
CA VAL A 33 -16.45 1.01 6.13
C VAL A 33 -15.67 2.30 5.85
N THR A 34 -14.59 2.51 6.59
CA THR A 34 -13.75 3.67 6.39
C THR A 34 -12.53 3.13 5.67
N VAL A 35 -12.05 3.87 4.67
CA VAL A 35 -10.92 3.41 3.88
C VAL A 35 -9.76 4.40 3.88
N VAL A 36 -8.54 3.87 3.98
CA VAL A 36 -7.32 4.67 3.93
C VAL A 36 -6.54 4.23 2.69
N LEU A 37 -6.34 5.14 1.73
CA LEU A 37 -5.64 4.82 0.47
C LEU A 37 -4.44 5.69 0.21
N GLY A 38 -3.46 5.15 -0.52
CA GLY A 38 -2.28 5.91 -0.85
C GLY A 38 -2.58 6.72 -2.11
N ALA A 39 -2.28 8.01 -2.09
CA ALA A 39 -2.59 8.84 -3.24
C ALA A 39 -1.46 9.05 -4.23
N GLN A 40 -0.28 8.53 -3.92
CA GLN A 40 0.88 8.71 -4.78
C GLN A 40 1.49 7.39 -5.27
N TRP A 41 2.75 7.14 -4.95
CA TRP A 41 3.41 5.90 -5.36
C TRP A 41 3.80 5.05 -4.18
N GLY A 42 2.96 5.10 -3.13
CA GLY A 42 3.22 4.31 -1.94
C GLY A 42 4.03 4.99 -0.86
N ASP A 43 4.11 4.34 0.29
CA ASP A 43 4.87 4.86 1.41
C ASP A 43 4.55 6.29 1.82
N GLU A 44 3.27 6.66 1.72
CA GLU A 44 2.83 8.01 2.08
C GLU A 44 2.56 8.13 3.58
N GLY A 45 2.39 6.99 4.25
CA GLY A 45 2.11 6.99 5.68
C GLY A 45 0.81 6.28 6.04
N LYS A 46 0.33 5.39 5.16
CA LYS A 46 -0.91 4.64 5.39
C LYS A 46 -0.88 3.87 6.71
N GLY A 47 0.29 3.31 7.04
CA GLY A 47 0.44 2.55 8.28
C GLY A 47 0.18 3.44 9.48
N LYS A 48 0.71 4.66 9.43
CA LYS A 48 0.53 5.64 10.49
C LYS A 48 -0.92 6.13 10.56
N VAL A 49 -1.53 6.35 9.40
CA VAL A 49 -2.90 6.80 9.38
C VAL A 49 -3.82 5.67 9.85
N VAL A 50 -3.61 4.47 9.35
CA VAL A 50 -4.45 3.35 9.76
C VAL A 50 -4.33 3.10 11.25
N ASP A 51 -3.10 3.15 11.76
CA ASP A 51 -2.88 2.93 13.18
C ASP A 51 -3.70 3.91 14.01
N LEU A 52 -3.63 5.17 13.63
CA LEU A 52 -4.35 6.22 14.32
C LEU A 52 -5.84 5.87 14.36
N LEU A 53 -6.43 5.62 13.19
CA LEU A 53 -7.85 5.32 13.07
C LEU A 53 -8.26 3.97 13.63
N ALA A 54 -7.31 3.05 13.72
CA ALA A 54 -7.62 1.70 14.22
C ALA A 54 -7.80 1.61 15.73
N THR A 55 -7.44 2.65 16.47
CA THR A 55 -7.55 2.61 17.92
C THR A 55 -8.92 2.16 18.44
N ASP A 56 -10.00 2.66 17.84
CA ASP A 56 -11.35 2.27 18.26
C ASP A 56 -12.14 1.51 17.18
N ALA A 57 -11.44 0.82 16.29
CA ALA A 57 -12.09 0.07 15.23
C ALA A 57 -12.34 -1.36 15.69
N ASP A 58 -13.43 -1.96 15.22
CA ASP A 58 -13.75 -3.32 15.60
C ASP A 58 -13.07 -4.30 14.65
N ILE A 59 -12.91 -3.86 13.41
CA ILE A 59 -12.28 -4.67 12.37
C ILE A 59 -11.40 -3.82 11.48
N VAL A 60 -10.17 -4.27 11.26
CA VAL A 60 -9.22 -3.59 10.38
C VAL A 60 -8.80 -4.63 9.36
N SER A 61 -8.87 -4.28 8.07
CA SER A 61 -8.55 -5.25 7.03
C SER A 61 -7.72 -4.79 5.83
N ARG A 62 -7.16 -5.79 5.14
CA ARG A 62 -6.38 -5.57 3.93
C ARG A 62 -7.26 -6.15 2.84
N CYS A 63 -7.30 -5.48 1.68
CA CYS A 63 -8.14 -5.96 0.58
C CYS A 63 -7.37 -6.37 -0.67
N GLN A 64 -6.17 -5.84 -0.86
CA GLN A 64 -5.37 -6.16 -2.04
C GLN A 64 -3.86 -6.20 -1.77
N GLY A 65 -3.12 -6.66 -2.77
CA GLY A 65 -1.68 -6.75 -2.64
C GLY A 65 -1.23 -7.88 -1.72
N GLY A 66 0.08 -7.93 -1.48
CA GLY A 66 0.66 -8.93 -0.61
C GLY A 66 1.65 -8.31 0.35
N ASN A 67 2.80 -8.96 0.55
CA ASN A 67 3.79 -8.39 1.46
C ASN A 67 4.82 -7.52 0.74
N ASN A 68 4.46 -7.03 -0.45
CA ASN A 68 5.34 -6.12 -1.18
C ASN A 68 5.20 -4.80 -0.43
N ALA A 69 4.10 -4.70 0.31
CA ALA A 69 3.76 -3.53 1.11
C ALA A 69 4.62 -3.50 2.37
N GLY A 70 4.89 -2.28 2.83
CA GLY A 70 5.67 -2.08 4.04
C GLY A 70 5.02 -0.90 4.72
N HIS A 71 4.31 -1.16 5.81
CA HIS A 71 3.61 -0.10 6.53
C HIS A 71 4.16 0.03 7.92
N THR A 72 4.71 1.21 8.22
CA THR A 72 5.32 1.49 9.51
C THR A 72 4.40 2.14 10.53
N VAL A 73 4.38 1.59 11.74
CA VAL A 73 3.56 2.12 12.83
C VAL A 73 4.46 2.39 14.03
N VAL A 74 4.29 3.55 14.66
CA VAL A 74 5.09 3.93 15.82
C VAL A 74 4.16 4.31 16.96
N VAL A 75 4.35 3.66 18.11
CA VAL A 75 3.51 3.94 19.27
C VAL A 75 4.28 3.72 20.56
N ASP A 76 4.37 4.77 21.38
CA ASP A 76 5.07 4.69 22.66
C ASP A 76 6.52 4.32 22.44
N GLY A 77 7.16 4.96 21.47
CA GLY A 77 8.56 4.65 21.21
C GLY A 77 8.74 3.29 20.55
N LYS A 78 7.67 2.50 20.52
CA LYS A 78 7.75 1.19 19.89
C LYS A 78 7.39 1.28 18.41
N GLU A 79 8.25 0.71 17.56
CA GLU A 79 8.04 0.73 16.12
C GLU A 79 7.84 -0.66 15.52
N TYR A 80 6.91 -0.76 14.56
CA TYR A 80 6.60 -2.01 13.89
C TYR A 80 6.58 -1.78 12.39
N ASP A 81 6.91 -2.82 11.63
CA ASP A 81 6.87 -2.72 10.17
C ASP A 81 5.99 -3.87 9.70
N PHE A 82 4.77 -3.55 9.26
CA PHE A 82 3.85 -4.58 8.80
C PHE A 82 3.88 -4.77 7.28
N HIS A 83 3.52 -5.97 6.83
CA HIS A 83 3.55 -6.26 5.40
C HIS A 83 2.30 -6.99 4.91
N LEU A 84 1.94 -8.06 5.61
CA LEU A 84 0.75 -8.83 5.28
C LEU A 84 -0.23 -8.61 6.41
N LEU A 85 0.27 -8.54 7.64
CA LEU A 85 -0.63 -8.31 8.75
C LEU A 85 -1.24 -6.91 8.71
N PRO A 86 -2.57 -6.81 8.89
CA PRO A 86 -3.17 -5.47 8.87
C PRO A 86 -2.52 -4.65 10.01
N SER A 87 -2.24 -3.38 9.76
CA SER A 87 -1.59 -2.54 10.76
C SER A 87 -2.35 -2.46 12.08
N GLY A 88 -3.65 -2.72 12.05
CA GLY A 88 -4.42 -2.66 13.28
C GLY A 88 -4.24 -3.91 14.12
N ILE A 89 -3.32 -4.79 13.72
CA ILE A 89 -3.10 -6.03 14.46
C ILE A 89 -2.61 -5.79 15.88
N ILE A 90 -1.96 -4.66 16.11
CA ILE A 90 -1.47 -4.35 17.46
C ILE A 90 -2.66 -4.07 18.36
N ASN A 91 -3.77 -3.59 17.79
CA ASN A 91 -4.98 -3.31 18.57
C ASN A 91 -5.56 -4.65 19.02
N THR A 92 -5.43 -4.94 20.31
CA THR A 92 -5.89 -6.19 20.90
C THR A 92 -7.38 -6.38 21.02
N LYS A 93 -8.14 -5.31 20.86
CA LYS A 93 -9.59 -5.42 20.94
C LYS A 93 -10.16 -5.65 19.55
N ALA A 94 -9.41 -5.23 18.54
CA ALA A 94 -9.88 -5.37 17.17
C ALA A 94 -9.47 -6.65 16.46
N VAL A 95 -10.25 -7.00 15.43
CA VAL A 95 -10.01 -8.18 14.63
C VAL A 95 -9.36 -7.73 13.33
N SER A 96 -8.22 -8.33 13.00
CA SER A 96 -7.53 -8.00 11.76
C SER A 96 -7.97 -9.03 10.75
N PHE A 97 -8.41 -8.55 9.59
CA PHE A 97 -8.93 -9.41 8.52
C PHE A 97 -8.19 -9.29 7.20
N ILE A 98 -7.77 -10.43 6.64
CA ILE A 98 -7.08 -10.44 5.35
C ILE A 98 -8.09 -10.88 4.28
N GLY A 99 -8.48 -9.96 3.40
CA GLY A 99 -9.46 -10.24 2.36
C GLY A 99 -9.05 -11.11 1.20
N ASN A 100 -10.03 -11.49 0.39
CA ASN A 100 -9.79 -12.34 -0.78
C ASN A 100 -8.97 -11.70 -1.89
N GLY A 101 -8.83 -10.38 -1.87
CA GLY A 101 -8.07 -9.72 -2.91
C GLY A 101 -6.56 -9.82 -2.68
N VAL A 102 -6.21 -10.18 -1.46
CA VAL A 102 -4.80 -10.31 -1.06
C VAL A 102 -4.18 -11.66 -1.47
N VAL A 103 -2.90 -11.60 -1.86
CA VAL A 103 -2.16 -12.80 -2.23
C VAL A 103 -1.20 -13.04 -1.07
N ILE A 104 -1.28 -14.23 -0.50
CA ILE A 104 -0.49 -14.59 0.67
C ILE A 104 0.65 -15.57 0.45
N HIS A 105 1.80 -15.25 1.05
CA HIS A 105 2.96 -16.12 1.04
C HIS A 105 3.03 -16.54 2.50
N LEU A 106 2.56 -17.75 2.80
CA LEU A 106 2.52 -18.29 4.15
C LEU A 106 3.82 -18.23 4.95
N PRO A 107 4.94 -18.63 4.33
CA PRO A 107 6.19 -18.56 5.09
C PRO A 107 6.43 -17.12 5.57
N GLY A 108 6.31 -16.17 4.65
CA GLY A 108 6.49 -14.75 4.97
C GLY A 108 5.50 -14.24 6.01
N LEU A 109 4.28 -14.73 5.96
CA LEU A 109 3.28 -14.30 6.92
C LEU A 109 3.70 -14.62 8.34
N PHE A 110 3.99 -15.89 8.62
CA PHE A 110 4.38 -16.27 9.97
C PHE A 110 5.73 -15.65 10.32
N GLU A 111 6.64 -15.65 9.34
CA GLU A 111 7.94 -15.06 9.54
C GLU A 111 7.74 -13.63 10.04
N GLU A 112 6.76 -12.95 9.46
CA GLU A 112 6.43 -11.57 9.83
C GLU A 112 5.80 -11.50 11.19
N ALA A 113 4.79 -12.34 11.40
CA ALA A 113 4.07 -12.39 12.67
C ALA A 113 5.01 -12.75 13.82
N GLU A 114 5.96 -13.63 13.54
CA GLU A 114 6.91 -14.06 14.56
C GLU A 114 7.98 -13.03 14.84
N LYS A 115 8.16 -12.07 13.94
CA LYS A 115 9.13 -11.01 14.17
C LYS A 115 8.52 -10.02 15.15
N ASN A 116 7.21 -9.85 15.03
CA ASN A 116 6.45 -8.94 15.87
C ASN A 116 6.09 -9.56 17.20
N GLU A 117 6.29 -10.86 17.32
CA GLU A 117 6.03 -11.51 18.59
C GLU A 117 7.16 -10.97 19.47
N LYS A 118 8.37 -11.04 18.92
CA LYS A 118 9.58 -10.57 19.60
C LYS A 118 9.52 -9.08 19.95
N LYS A 119 8.41 -8.43 19.58
CA LYS A 119 8.24 -7.01 19.87
C LYS A 119 7.07 -6.82 20.83
N GLY A 120 6.44 -7.92 21.21
CA GLY A 120 5.32 -7.85 22.13
C GLY A 120 3.97 -8.21 21.55
N LEU A 121 3.93 -8.67 20.30
CA LEU A 121 2.66 -9.05 19.70
C LEU A 121 2.25 -10.40 20.29
N LYS A 122 1.28 -10.35 21.20
CA LYS A 122 0.83 -11.55 21.88
C LYS A 122 -0.61 -11.91 21.49
N ASP A 123 -0.84 -13.20 21.26
CA ASP A 123 -2.17 -13.70 20.89
C ASP A 123 -2.73 -13.05 19.63
N TRP A 124 -1.86 -12.74 18.68
CA TRP A 124 -2.28 -12.13 17.44
C TRP A 124 -3.09 -13.15 16.67
N GLU A 125 -2.66 -14.40 16.76
CA GLU A 125 -3.31 -15.52 16.09
C GLU A 125 -4.72 -15.75 16.62
N LYS A 126 -5.08 -14.98 17.64
CA LYS A 126 -6.41 -15.06 18.26
C LYS A 126 -7.37 -14.02 17.66
N ARG A 127 -6.81 -13.01 16.99
CA ARG A 127 -7.63 -11.95 16.37
C ARG A 127 -7.32 -11.65 14.89
N LEU A 128 -6.91 -12.69 14.16
CA LEU A 128 -6.59 -12.56 12.73
C LEU A 128 -7.45 -13.51 11.89
N ILE A 129 -8.33 -12.95 11.05
CA ILE A 129 -9.15 -13.77 10.18
C ILE A 129 -8.58 -13.73 8.77
N ILE A 130 -8.56 -14.88 8.11
CA ILE A 130 -8.03 -14.97 6.75
C ILE A 130 -9.12 -15.50 5.80
N SER A 131 -9.45 -14.70 4.78
CA SER A 131 -10.48 -15.09 3.82
C SER A 131 -10.06 -16.35 3.07
N ASP A 132 -10.95 -17.34 2.99
CA ASP A 132 -10.61 -18.59 2.31
C ASP A 132 -10.51 -18.50 0.79
N ARG A 133 -10.75 -17.32 0.22
CA ARG A 133 -10.65 -17.14 -1.22
C ARG A 133 -9.36 -16.41 -1.62
N ALA A 134 -8.53 -16.09 -0.64
CA ALA A 134 -7.27 -15.41 -0.93
C ALA A 134 -6.34 -16.37 -1.69
N HIS A 135 -5.65 -15.86 -2.69
CA HIS A 135 -4.73 -16.69 -3.47
C HIS A 135 -3.40 -16.85 -2.76
N LEU A 136 -2.69 -17.92 -3.09
CA LEU A 136 -1.42 -18.23 -2.45
C LEU A 136 -0.19 -17.91 -3.29
N VAL A 137 0.78 -17.24 -2.66
CA VAL A 137 2.04 -16.93 -3.34
C VAL A 137 2.92 -18.11 -2.97
N PHE A 138 3.43 -18.80 -3.98
CA PHE A 138 4.28 -19.96 -3.73
C PHE A 138 5.72 -19.54 -3.93
N ASP A 139 6.63 -20.22 -3.24
CA ASP A 139 8.05 -19.93 -3.31
C ASP A 139 8.55 -19.77 -4.74
N PHE A 140 8.06 -20.59 -5.66
CA PHE A 140 8.50 -20.47 -7.04
C PHE A 140 7.98 -19.20 -7.71
N HIS A 141 6.93 -18.63 -7.15
CA HIS A 141 6.37 -17.38 -7.69
C HIS A 141 7.38 -16.26 -7.47
N GLN A 142 7.91 -16.23 -6.25
CA GLN A 142 8.90 -15.24 -5.85
C GLN A 142 10.18 -15.44 -6.64
N ALA A 143 10.53 -16.71 -6.83
CA ALA A 143 11.72 -17.07 -7.60
C ALA A 143 11.52 -16.63 -9.05
N VAL A 144 10.31 -16.82 -9.58
CA VAL A 144 10.01 -16.42 -10.95
C VAL A 144 10.05 -14.90 -11.05
N ASP A 145 9.64 -14.23 -9.97
CA ASP A 145 9.65 -12.78 -9.93
C ASP A 145 11.09 -12.36 -10.18
N GLY A 146 12.01 -12.94 -9.41
CA GLY A 146 13.41 -12.62 -9.59
C GLY A 146 13.87 -12.85 -11.02
N LEU A 147 13.71 -14.07 -11.51
CA LEU A 147 14.13 -14.41 -12.86
C LEU A 147 13.61 -13.47 -13.95
N GLN A 148 12.32 -13.13 -13.89
CA GLN A 148 11.71 -12.24 -14.89
C GLN A 148 12.34 -10.87 -14.89
N GLU A 149 12.74 -10.41 -13.71
CA GLU A 149 13.36 -9.11 -13.58
C GLU A 149 14.76 -9.13 -14.21
N VAL A 150 15.55 -10.13 -13.82
CA VAL A 150 16.89 -10.28 -14.36
C VAL A 150 16.83 -10.39 -15.88
N GLN A 151 15.77 -11.06 -16.36
CA GLN A 151 15.53 -11.28 -17.77
C GLN A 151 15.13 -10.02 -18.53
N ARG A 152 14.30 -9.18 -17.93
CA ARG A 152 13.89 -7.94 -18.60
C ARG A 152 15.06 -6.97 -18.65
N GLN A 153 15.85 -6.98 -17.57
CA GLN A 153 17.03 -6.15 -17.40
C GLN A 153 18.05 -6.57 -18.47
N ALA A 154 18.43 -7.83 -18.39
CA ALA A 154 19.38 -8.42 -19.32
C ALA A 154 18.69 -8.78 -20.62
N GLN A 155 17.99 -7.82 -21.21
CA GLN A 155 17.28 -8.01 -22.48
C GLN A 155 16.95 -6.67 -23.11
N GLU A 156 16.05 -5.93 -22.46
CA GLU A 156 15.64 -4.63 -22.95
C GLU A 156 16.35 -3.48 -22.23
N GLY A 157 17.24 -3.82 -21.31
CA GLY A 157 17.98 -2.81 -20.59
C GLY A 157 17.48 -2.40 -19.21
N LYS A 158 16.17 -2.52 -19.00
CA LYS A 158 15.61 -2.15 -17.71
C LYS A 158 14.43 -3.01 -17.33
N ASN A 159 14.22 -3.17 -16.04
CA ASN A 159 13.09 -3.95 -15.54
C ASN A 159 12.13 -3.05 -14.76
N ILE A 160 11.14 -3.66 -14.13
CA ILE A 160 10.14 -2.92 -13.38
C ILE A 160 10.62 -2.48 -12.01
N GLY A 161 11.50 -3.27 -11.41
CA GLY A 161 12.00 -2.93 -10.10
C GLY A 161 11.04 -3.39 -9.02
N THR A 162 10.49 -4.58 -9.19
CA THR A 162 9.53 -5.14 -8.22
C THR A 162 10.20 -5.47 -6.90
N THR A 163 9.41 -5.73 -5.87
CA THR A 163 9.96 -6.07 -4.56
C THR A 163 10.43 -7.52 -4.59
N LYS A 164 10.28 -8.16 -5.74
CA LYS A 164 10.67 -9.56 -5.92
C LYS A 164 10.03 -10.43 -4.84
N LYS A 165 8.78 -10.12 -4.54
CA LYS A 165 8.05 -10.89 -3.54
C LYS A 165 7.09 -11.84 -4.25
N GLY A 166 7.22 -11.92 -5.57
CA GLY A 166 6.39 -12.80 -6.37
C GLY A 166 4.94 -12.38 -6.47
N ILE A 167 4.69 -11.08 -6.34
CA ILE A 167 3.32 -10.55 -6.42
C ILE A 167 2.78 -10.59 -7.85
N GLY A 168 3.57 -10.08 -8.80
CA GLY A 168 3.15 -10.09 -10.19
C GLY A 168 2.87 -11.51 -10.69
N PRO A 169 3.79 -12.45 -10.44
CA PRO A 169 3.57 -13.83 -10.88
C PRO A 169 2.31 -14.47 -10.28
N THR A 170 2.08 -14.26 -8.98
CA THR A 170 0.92 -14.87 -8.37
C THR A 170 -0.42 -14.27 -8.81
N TYR A 171 -0.43 -12.97 -9.14
CA TYR A 171 -1.67 -12.35 -9.61
C TYR A 171 -1.89 -12.80 -11.05
N SER A 172 -0.81 -13.21 -11.70
CA SER A 172 -0.92 -13.66 -13.08
C SER A 172 -1.49 -15.08 -13.08
N SER A 173 -1.16 -15.87 -12.06
CA SER A 173 -1.71 -17.21 -11.97
C SER A 173 -3.18 -17.11 -11.60
N LYS A 174 -3.53 -16.11 -10.82
CA LYS A 174 -4.93 -15.90 -10.42
C LYS A 174 -5.78 -15.68 -11.67
N ALA A 175 -5.39 -14.70 -12.48
CA ALA A 175 -6.12 -14.37 -13.71
C ALA A 175 -6.24 -15.59 -14.61
N ALA A 176 -5.14 -16.35 -14.70
CA ALA A 176 -5.09 -17.54 -15.52
C ALA A 176 -5.94 -18.66 -14.91
N ARG A 177 -6.31 -18.49 -13.64
CA ARG A 177 -7.09 -19.47 -12.91
C ARG A 177 -6.28 -20.73 -12.66
N THR A 178 -4.95 -20.58 -12.63
CA THR A 178 -4.07 -21.72 -12.35
C THR A 178 -3.57 -21.67 -10.93
N GLY A 179 -3.75 -20.53 -10.28
CA GLY A 179 -3.30 -20.36 -8.90
C GLY A 179 -4.17 -21.06 -7.88
N LEU A 180 -3.60 -21.33 -6.71
CA LEU A 180 -4.36 -22.01 -5.66
C LEU A 180 -4.73 -21.02 -4.57
N ARG A 181 -5.81 -21.32 -3.86
CA ARG A 181 -6.31 -20.47 -2.80
C ARG A 181 -6.31 -21.15 -1.45
N ILE A 182 -6.55 -20.36 -0.41
CA ILE A 182 -6.58 -20.87 0.94
C ILE A 182 -7.44 -22.13 0.97
N CYS A 183 -8.74 -21.97 0.67
CA CYS A 183 -9.71 -23.08 0.68
C CYS A 183 -9.19 -24.36 0.03
N ASP A 184 -8.30 -24.22 -0.96
CA ASP A 184 -7.72 -25.36 -1.66
C ASP A 184 -6.74 -26.08 -0.75
N LEU A 185 -5.88 -25.28 -0.11
CA LEU A 185 -4.87 -25.79 0.80
C LEU A 185 -5.49 -26.57 1.96
N LEU A 186 -6.60 -26.06 2.48
CA LEU A 186 -7.26 -26.69 3.62
C LEU A 186 -8.18 -27.86 3.29
N SER A 187 -8.58 -28.02 2.03
CA SER A 187 -9.45 -29.13 1.64
C SER A 187 -8.58 -30.37 1.52
N ASP A 188 -8.90 -31.25 0.58
CA ASP A 188 -8.08 -32.44 0.40
C ASP A 188 -6.70 -32.00 -0.05
N PHE A 189 -5.68 -32.47 0.66
CA PHE A 189 -4.30 -32.11 0.36
C PHE A 189 -3.74 -32.85 -0.85
N ASP A 190 -4.25 -34.04 -1.12
CA ASP A 190 -3.78 -34.84 -2.25
C ASP A 190 -4.17 -34.17 -3.56
N GLU A 191 -5.33 -33.52 -3.55
CA GLU A 191 -5.81 -32.82 -4.74
C GLU A 191 -4.95 -31.57 -4.89
N PHE A 192 -4.77 -30.85 -3.78
CA PHE A 192 -3.96 -29.64 -3.76
C PHE A 192 -2.58 -29.91 -4.35
N SER A 193 -1.91 -30.92 -3.79
CA SER A 193 -0.56 -31.32 -4.22
C SER A 193 -0.51 -31.60 -5.71
N ALA A 194 -1.60 -32.15 -6.22
CA ALA A 194 -1.71 -32.49 -7.64
C ALA A 194 -1.59 -31.24 -8.52
N ARG A 195 -2.38 -30.22 -8.18
CA ARG A 195 -2.36 -28.96 -8.92
C ARG A 195 -1.11 -28.16 -8.62
N PHE A 196 -0.61 -28.27 -7.39
CA PHE A 196 0.60 -27.58 -6.99
C PHE A 196 1.77 -28.03 -7.87
N LYS A 197 1.89 -29.34 -8.04
CA LYS A 197 2.96 -29.92 -8.85
C LYS A 197 2.81 -29.46 -10.30
N ASN A 198 1.58 -29.43 -10.77
CA ASN A 198 1.26 -29.02 -12.13
C ASN A 198 1.56 -27.54 -12.37
N LEU A 199 1.20 -26.70 -11.40
CA LEU A 199 1.43 -25.26 -11.50
C LEU A 199 2.92 -24.96 -11.57
N ALA A 200 3.66 -25.63 -10.67
CA ALA A 200 5.11 -25.47 -10.62
C ALA A 200 5.69 -25.79 -12.01
N HIS A 201 5.38 -26.96 -12.53
CA HIS A 201 5.88 -27.36 -13.85
C HIS A 201 5.63 -26.30 -14.89
N GLN A 202 4.45 -25.70 -14.83
CA GLN A 202 4.10 -24.66 -15.78
C GLN A 202 5.13 -23.54 -15.77
N HIS A 203 5.55 -23.12 -14.59
CA HIS A 203 6.52 -22.04 -14.48
C HIS A 203 7.90 -22.47 -14.94
N GLN A 204 8.27 -23.72 -14.66
CA GLN A 204 9.57 -24.24 -15.08
C GLN A 204 9.63 -24.22 -16.60
N SER A 205 8.47 -24.23 -17.25
CA SER A 205 8.40 -24.18 -18.70
C SER A 205 8.69 -22.74 -19.12
N MET A 206 8.47 -21.81 -18.21
CA MET A 206 8.73 -20.40 -18.47
C MET A 206 10.21 -20.14 -18.21
N PHE A 207 10.71 -20.73 -17.13
CA PHE A 207 12.10 -20.60 -16.74
C PHE A 207 12.68 -21.98 -16.45
N PRO A 208 13.17 -22.65 -17.50
CA PRO A 208 13.75 -23.99 -17.40
C PRO A 208 14.84 -24.07 -16.34
N THR A 209 15.57 -22.98 -16.18
CA THR A 209 16.65 -22.91 -15.19
C THR A 209 16.06 -22.78 -13.79
N LEU A 210 14.73 -22.72 -13.71
CA LEU A 210 14.04 -22.58 -12.44
C LEU A 210 13.98 -23.90 -11.69
N GLU A 211 14.55 -23.91 -10.49
CA GLU A 211 14.57 -25.12 -9.67
C GLU A 211 13.49 -25.04 -8.59
N ILE A 212 12.66 -26.09 -8.52
CA ILE A 212 11.58 -26.16 -7.54
C ILE A 212 11.66 -27.46 -6.76
N ASP A 213 11.77 -27.37 -5.43
CA ASP A 213 11.80 -28.58 -4.61
C ASP A 213 10.36 -28.94 -4.28
N VAL A 214 9.66 -29.50 -5.26
CA VAL A 214 8.26 -29.86 -5.09
C VAL A 214 7.90 -30.43 -3.72
N GLU A 215 8.33 -31.66 -3.41
CA GLU A 215 7.98 -32.24 -2.11
C GLU A 215 8.47 -31.39 -0.95
N GLY A 216 9.58 -30.68 -1.16
CA GLY A 216 10.11 -29.84 -0.11
C GLY A 216 9.12 -28.75 0.23
N GLN A 217 8.79 -27.93 -0.76
CA GLN A 217 7.84 -26.82 -0.57
C GLN A 217 6.46 -27.35 -0.21
N LEU A 218 6.00 -28.31 -1.01
CA LEU A 218 4.69 -28.93 -0.82
C LEU A 218 4.54 -29.47 0.60
N LYS A 219 5.62 -29.98 1.16
CA LYS A 219 5.57 -30.50 2.52
C LYS A 219 5.32 -29.38 3.52
N ARG A 220 6.12 -28.31 3.43
CA ARG A 220 5.97 -27.15 4.30
C ARG A 220 4.52 -26.68 4.23
N LEU A 221 4.01 -26.56 3.00
CA LEU A 221 2.64 -26.13 2.76
C LEU A 221 1.69 -26.98 3.59
N LYS A 222 1.90 -28.29 3.57
CA LYS A 222 1.05 -29.19 4.34
C LYS A 222 1.06 -28.77 5.80
N GLY A 223 2.21 -28.29 6.26
CA GLY A 223 2.34 -27.87 7.63
C GLY A 223 1.55 -26.61 7.89
N PHE A 224 1.82 -25.58 7.08
CA PHE A 224 1.15 -24.30 7.17
C PHE A 224 -0.37 -24.46 7.24
N ALA A 225 -0.90 -25.39 6.45
CA ALA A 225 -2.34 -25.65 6.40
C ALA A 225 -2.97 -25.72 7.78
N GLU A 226 -2.39 -26.56 8.65
CA GLU A 226 -2.91 -26.73 10.00
C GLU A 226 -2.67 -25.51 10.88
N ARG A 227 -1.64 -24.75 10.57
CA ARG A 227 -1.32 -23.54 11.34
C ARG A 227 -2.32 -22.43 11.05
N ILE A 228 -2.62 -22.25 9.76
CA ILE A 228 -3.54 -21.19 9.35
C ILE A 228 -5.00 -21.58 9.54
N ARG A 229 -5.32 -22.84 9.26
CA ARG A 229 -6.67 -23.37 9.37
C ARG A 229 -7.61 -22.71 10.40
N PRO A 230 -7.23 -22.70 11.69
CA PRO A 230 -8.12 -22.07 12.68
C PRO A 230 -8.47 -20.59 12.46
N MET A 231 -7.64 -19.89 11.68
CA MET A 231 -7.84 -18.47 11.40
C MET A 231 -8.72 -18.21 10.17
N VAL A 232 -8.70 -19.17 9.25
CA VAL A 232 -9.47 -19.07 8.00
C VAL A 232 -10.97 -19.05 8.20
N ARG A 233 -11.65 -18.41 7.25
CA ARG A 233 -13.10 -18.30 7.26
C ARG A 233 -13.61 -17.87 5.89
N ASP A 234 -14.92 -17.84 5.74
CA ASP A 234 -15.54 -17.39 4.51
C ASP A 234 -15.61 -15.88 4.69
N GLY A 235 -14.74 -15.16 3.99
CA GLY A 235 -14.73 -13.70 4.12
C GLY A 235 -15.98 -12.97 3.67
N VAL A 236 -16.64 -13.51 2.66
CA VAL A 236 -17.85 -12.90 2.14
C VAL A 236 -18.91 -12.88 3.22
N TYR A 237 -19.17 -14.03 3.82
CA TYR A 237 -20.17 -14.12 4.88
C TYR A 237 -19.69 -13.27 6.07
N PHE A 238 -18.39 -13.38 6.38
CA PHE A 238 -17.79 -12.64 7.47
C PHE A 238 -18.04 -11.13 7.34
N MET A 239 -17.59 -10.52 6.25
CA MET A 239 -17.81 -9.08 6.09
C MET A 239 -19.30 -8.74 6.03
N TYR A 240 -20.06 -9.56 5.32
CA TYR A 240 -21.49 -9.31 5.19
C TYR A 240 -22.14 -9.25 6.56
N GLU A 241 -21.96 -10.30 7.35
CA GLU A 241 -22.52 -10.38 8.71
C GLU A 241 -22.10 -9.20 9.57
N ALA A 242 -20.84 -8.81 9.43
CA ALA A 242 -20.27 -7.70 10.18
C ALA A 242 -20.97 -6.37 9.83
N LEU A 243 -21.20 -6.17 8.54
CA LEU A 243 -21.82 -4.94 8.07
C LEU A 243 -23.30 -4.82 8.35
N HIS A 244 -23.98 -5.94 8.56
CA HIS A 244 -25.41 -5.89 8.82
C HIS A 244 -25.82 -6.23 10.24
N GLY A 245 -24.89 -6.78 11.01
CA GLY A 245 -25.19 -7.11 12.39
C GLY A 245 -25.11 -5.88 13.29
N PRO A 246 -24.98 -6.06 14.61
CA PRO A 246 -24.90 -4.86 15.45
C PRO A 246 -23.84 -3.94 14.88
N PRO A 247 -24.05 -2.62 14.96
CA PRO A 247 -23.09 -1.67 14.42
C PRO A 247 -21.64 -1.92 14.83
N LYS A 248 -20.75 -1.85 13.85
CA LYS A 248 -19.31 -2.01 14.09
C LYS A 248 -18.55 -1.00 13.24
N LYS A 249 -17.28 -0.80 13.59
CA LYS A 249 -16.43 0.13 12.87
C LYS A 249 -15.41 -0.70 12.11
N VAL A 250 -15.51 -0.67 10.78
CA VAL A 250 -14.58 -1.43 9.96
C VAL A 250 -13.66 -0.48 9.23
N LEU A 251 -12.37 -0.77 9.30
CA LEU A 251 -11.36 0.05 8.67
C LEU A 251 -10.68 -0.78 7.60
N VAL A 252 -10.48 -0.19 6.42
CA VAL A 252 -9.83 -0.93 5.34
C VAL A 252 -8.51 -0.25 5.05
N GLU A 253 -7.44 -1.02 5.16
CA GLU A 253 -6.10 -0.54 4.93
C GLU A 253 -5.64 -0.81 3.51
N GLY A 254 -5.54 0.25 2.72
CA GLY A 254 -5.08 0.10 1.35
C GLY A 254 -3.60 -0.19 1.38
N ALA A 255 -3.10 -0.80 0.30
CA ALA A 255 -1.68 -1.11 0.19
C ALA A 255 -1.22 -0.43 -1.09
N ASN A 256 0.08 -0.17 -1.20
CA ASN A 256 0.62 0.48 -2.39
C ASN A 256 -0.09 1.83 -2.59
N ALA A 257 -0.41 2.20 -3.83
CA ALA A 257 -1.07 3.48 -4.05
C ALA A 257 -1.66 3.65 -5.45
N ALA A 258 -2.38 4.75 -5.64
CA ALA A 258 -3.04 5.05 -6.89
C ALA A 258 -2.19 4.92 -8.15
N LEU A 259 -1.07 5.63 -8.21
CA LEU A 259 -0.22 5.59 -9.40
C LEU A 259 0.54 4.29 -9.61
N LEU A 260 0.28 3.31 -8.75
CA LEU A 260 0.89 1.99 -8.81
C LEU A 260 -0.20 0.99 -9.18
N ASP A 261 -1.41 1.50 -9.37
CA ASP A 261 -2.59 0.69 -9.71
C ASP A 261 -2.41 -0.02 -11.05
N ILE A 262 -2.69 -1.32 -11.10
CA ILE A 262 -2.54 -2.10 -12.34
C ILE A 262 -3.30 -1.48 -13.52
N ASP A 263 -4.43 -0.84 -13.23
CA ASP A 263 -5.26 -0.20 -14.26
C ASP A 263 -4.91 1.26 -14.48
N PHE A 264 -4.86 2.01 -13.39
CA PHE A 264 -4.67 3.45 -13.44
C PHE A 264 -3.28 4.06 -13.20
N GLY A 265 -2.34 3.25 -12.72
CA GLY A 265 -1.02 3.76 -12.44
C GLY A 265 -0.17 3.97 -13.68
N THR A 266 1.15 4.08 -13.46
CA THR A 266 2.12 4.26 -14.54
C THR A 266 2.51 2.94 -15.20
N TYR A 267 1.50 2.25 -15.71
CA TYR A 267 1.65 0.97 -16.40
C TYR A 267 2.76 1.07 -17.46
N PRO A 268 3.64 0.05 -17.55
CA PRO A 268 3.73 -1.20 -16.77
C PRO A 268 4.49 -1.10 -15.45
N PHE A 269 4.86 0.11 -15.06
CA PHE A 269 5.59 0.33 -13.82
C PHE A 269 4.60 0.59 -12.71
N VAL A 270 3.94 -0.49 -12.33
CA VAL A 270 2.90 -0.49 -11.34
C VAL A 270 2.95 -1.85 -10.65
N THR A 271 2.09 -2.05 -9.65
CA THR A 271 2.00 -3.32 -8.97
C THR A 271 0.84 -4.03 -9.69
N SER A 272 0.65 -5.32 -9.43
CA SER A 272 -0.38 -6.09 -10.12
C SER A 272 -1.79 -6.17 -9.55
N SER A 273 -2.17 -5.20 -8.71
CA SER A 273 -3.51 -5.20 -8.14
C SER A 273 -4.08 -3.79 -8.22
N ASN A 274 -5.37 -3.67 -7.99
CA ASN A 274 -6.00 -2.36 -8.00
C ASN A 274 -5.85 -1.77 -6.59
N CYS A 275 -5.01 -0.75 -6.47
CA CYS A 275 -4.73 -0.09 -5.20
C CYS A 275 -5.74 1.01 -4.96
N THR A 276 -6.58 1.26 -5.95
CA THR A 276 -7.59 2.29 -5.86
C THR A 276 -8.82 1.80 -5.08
N VAL A 277 -9.76 2.70 -4.85
CA VAL A 277 -10.98 2.39 -4.08
C VAL A 277 -11.80 1.18 -4.54
N GLY A 278 -11.84 0.94 -5.85
CA GLY A 278 -12.60 -0.18 -6.35
C GLY A 278 -12.03 -1.49 -5.83
N GLY A 279 -10.75 -1.47 -5.48
CA GLY A 279 -10.09 -2.66 -4.97
C GLY A 279 -10.67 -3.10 -3.65
N VAL A 280 -11.28 -2.16 -2.94
CA VAL A 280 -11.90 -2.47 -1.65
C VAL A 280 -13.10 -3.35 -1.90
N CYS A 281 -13.91 -2.99 -2.91
CA CYS A 281 -15.08 -3.77 -3.26
C CYS A 281 -14.74 -5.17 -3.78
N THR A 282 -13.79 -5.25 -4.70
CA THR A 282 -13.42 -6.54 -5.29
C THR A 282 -12.59 -7.39 -4.35
N GLY A 283 -11.85 -6.74 -3.45
CA GLY A 283 -10.97 -7.47 -2.55
C GLY A 283 -11.59 -7.90 -1.23
N LEU A 284 -12.82 -7.47 -0.94
CA LEU A 284 -13.49 -7.84 0.30
C LEU A 284 -14.93 -8.29 0.04
N GLY A 285 -15.39 -8.09 -1.19
CA GLY A 285 -16.74 -8.51 -1.51
C GLY A 285 -17.82 -7.68 -0.86
N ILE A 286 -17.68 -6.35 -0.89
CA ILE A 286 -18.69 -5.46 -0.32
C ILE A 286 -19.06 -4.45 -1.39
N PRO A 287 -20.35 -4.07 -1.45
CA PRO A 287 -20.85 -3.10 -2.43
C PRO A 287 -20.50 -1.63 -2.14
N PRO A 288 -20.52 -0.78 -3.18
CA PRO A 288 -20.20 0.63 -2.99
C PRO A 288 -21.09 1.33 -1.97
N GLN A 289 -22.21 0.70 -1.62
CA GLN A 289 -23.14 1.26 -0.65
C GLN A 289 -22.64 1.03 0.78
N ASN A 290 -21.58 0.23 0.92
CA ASN A 290 -21.05 -0.04 2.25
C ASN A 290 -19.70 0.63 2.46
N ILE A 291 -19.38 1.59 1.59
CA ILE A 291 -18.12 2.32 1.69
C ILE A 291 -18.41 3.74 2.14
N GLY A 292 -17.88 4.11 3.31
CA GLY A 292 -18.09 5.43 3.87
C GLY A 292 -17.00 6.40 3.49
N ASP A 293 -16.25 6.87 4.48
CA ASP A 293 -15.14 7.81 4.22
C ASP A 293 -13.97 7.10 3.55
N VAL A 294 -13.40 7.77 2.56
CA VAL A 294 -12.26 7.27 1.82
C VAL A 294 -11.21 8.36 1.93
N TYR A 295 -10.24 8.11 2.80
CA TYR A 295 -9.16 9.05 3.05
C TYR A 295 -7.98 8.81 2.13
N GLY A 296 -7.44 9.91 1.60
CA GLY A 296 -6.28 9.84 0.74
C GLY A 296 -5.07 10.28 1.57
N VAL A 297 -4.07 9.41 1.65
CA VAL A 297 -2.84 9.70 2.39
C VAL A 297 -1.88 10.39 1.40
N VAL A 298 -1.56 11.64 1.69
CA VAL A 298 -0.69 12.43 0.82
C VAL A 298 0.59 12.91 1.52
N LYS A 299 1.74 12.47 1.02
CA LYS A 299 3.02 12.90 1.59
C LYS A 299 3.23 14.35 1.10
N ALA A 300 3.85 15.19 1.92
CA ALA A 300 4.09 16.61 1.55
C ALA A 300 4.99 16.79 0.33
N TYR A 301 5.71 15.73 -0.04
CA TYR A 301 6.55 15.72 -1.23
C TYR A 301 6.33 14.32 -1.78
N THR A 302 6.86 14.04 -2.96
CA THR A 302 6.64 12.73 -3.57
C THR A 302 7.83 11.79 -3.52
N THR A 303 7.56 10.50 -3.42
CA THR A 303 8.61 9.48 -3.46
C THR A 303 8.14 8.34 -4.35
N ARG A 304 9.11 7.65 -4.93
CA ARG A 304 8.84 6.52 -5.78
C ARG A 304 10.02 5.56 -5.57
N VAL A 305 9.73 4.27 -5.45
CA VAL A 305 10.79 3.28 -5.29
C VAL A 305 10.57 2.22 -6.37
N GLY A 306 11.50 2.19 -7.32
CA GLY A 306 11.41 1.27 -8.43
C GLY A 306 11.55 2.08 -9.72
N ILE A 307 11.44 1.40 -10.86
CA ILE A 307 11.56 2.05 -12.18
C ILE A 307 10.29 2.76 -12.63
N GLY A 308 10.43 3.76 -13.50
CA GLY A 308 9.28 4.47 -13.99
C GLY A 308 9.34 5.99 -13.89
N ALA A 309 8.57 6.66 -14.74
CA ALA A 309 8.52 8.13 -14.75
C ALA A 309 8.25 8.70 -13.37
N PHE A 310 8.86 9.84 -13.11
CA PHE A 310 8.74 10.57 -11.84
C PHE A 310 9.02 12.02 -12.21
N PRO A 311 8.00 12.74 -12.70
CA PRO A 311 8.09 14.15 -13.12
C PRO A 311 8.78 15.13 -12.19
N THR A 312 8.41 15.17 -10.92
CA THR A 312 9.05 16.11 -10.01
C THR A 312 10.28 15.55 -9.32
N GLU A 313 10.77 14.40 -9.78
CA GLU A 313 11.95 13.81 -9.14
C GLU A 313 13.10 14.83 -9.02
N GLN A 314 13.75 14.86 -7.86
CA GLN A 314 14.86 15.78 -7.60
C GLN A 314 16.18 15.04 -7.39
N ILE A 315 16.89 14.75 -8.48
CA ILE A 315 18.17 14.06 -8.38
C ILE A 315 19.22 15.15 -8.17
N ASN A 316 19.31 15.63 -6.94
CA ASN A 316 20.23 16.70 -6.59
C ASN A 316 20.30 16.88 -5.09
N GLU A 317 20.75 18.05 -4.69
CA GLU A 317 20.89 18.39 -3.29
C GLU A 317 19.55 18.40 -2.57
N ILE A 318 18.49 18.77 -3.27
CA ILE A 318 17.15 18.81 -2.67
C ILE A 318 16.69 17.37 -2.43
N GLY A 319 16.92 16.53 -3.44
CA GLY A 319 16.52 15.13 -3.34
C GLY A 319 17.18 14.47 -2.15
N ASP A 320 18.47 14.77 -1.94
CA ASP A 320 19.22 14.19 -0.84
C ASP A 320 18.73 14.66 0.53
N LEU A 321 18.32 15.91 0.62
CA LEU A 321 17.82 16.42 1.89
C LEU A 321 16.50 15.73 2.22
N LEU A 322 15.65 15.58 1.21
CA LEU A 322 14.35 14.93 1.41
C LEU A 322 14.56 13.48 1.75
N GLN A 323 15.34 12.80 0.92
CA GLN A 323 15.63 11.38 1.13
C GLN A 323 16.24 11.16 2.50
N ASN A 324 17.16 12.03 2.88
CA ASN A 324 17.84 11.92 4.17
C ASN A 324 17.00 12.33 5.37
N ARG A 325 16.39 13.52 5.32
CA ARG A 325 15.58 13.98 6.43
C ARG A 325 14.35 13.12 6.60
N GLY A 326 13.87 12.55 5.50
CA GLY A 326 12.69 11.72 5.56
C GLY A 326 12.95 10.25 5.83
N HIS A 327 14.22 9.83 5.78
CA HIS A 327 14.60 8.43 5.99
C HIS A 327 13.87 7.58 4.96
N GLU A 328 13.94 8.02 3.71
CA GLU A 328 13.26 7.36 2.61
C GLU A 328 13.93 6.13 2.02
N TRP A 329 13.75 4.99 2.69
CA TRP A 329 14.31 3.74 2.22
C TRP A 329 13.25 2.65 2.44
N GLY A 330 13.05 1.83 1.41
CA GLY A 330 12.08 0.76 1.44
C GLY A 330 11.93 0.01 2.74
N VAL A 331 10.69 -0.03 3.23
CA VAL A 331 10.35 -0.75 4.45
C VAL A 331 10.35 -2.25 4.16
N THR A 332 10.29 -2.58 2.87
CA THR A 332 10.24 -3.97 2.43
C THR A 332 11.52 -4.48 1.78
N THR A 333 12.21 -3.61 1.03
CA THR A 333 13.42 -4.01 0.33
C THR A 333 14.69 -3.29 0.76
N GLY A 334 14.55 -2.28 1.61
CA GLY A 334 15.71 -1.52 2.04
C GLY A 334 16.20 -0.61 0.94
N ARG A 335 15.54 -0.63 -0.21
CA ARG A 335 15.92 0.22 -1.32
C ARG A 335 15.70 1.71 -1.04
N LYS A 336 16.66 2.51 -1.45
CA LYS A 336 16.59 3.95 -1.29
C LYS A 336 15.54 4.49 -2.27
N ARG A 337 14.54 5.18 -1.73
CA ARG A 337 13.48 5.72 -2.55
C ARG A 337 13.89 7.00 -3.25
N ARG A 338 13.34 7.20 -4.46
CA ARG A 338 13.61 8.38 -5.25
C ARG A 338 12.75 9.48 -4.63
N CYS A 339 13.24 10.72 -4.61
CA CYS A 339 12.47 11.80 -4.01
C CYS A 339 12.28 13.00 -4.92
N GLY A 340 11.11 13.63 -4.79
CA GLY A 340 10.77 14.80 -5.59
C GLY A 340 9.79 15.72 -4.88
N TRP A 341 9.51 16.86 -5.49
CA TRP A 341 8.57 17.81 -4.91
C TRP A 341 7.17 17.20 -4.98
N LEU A 342 6.22 17.85 -4.31
CA LEU A 342 4.84 17.41 -4.34
C LEU A 342 4.43 17.57 -5.78
N ASP A 343 3.57 16.68 -6.26
CA ASP A 343 3.09 16.69 -7.64
C ASP A 343 1.55 16.66 -7.64
N LEU A 344 0.93 17.79 -7.96
CA LEU A 344 -0.52 17.90 -7.97
C LEU A 344 -1.20 17.20 -9.15
N MET A 345 -0.47 16.99 -10.24
CA MET A 345 -1.06 16.29 -11.37
C MET A 345 -1.48 14.89 -10.93
N ILE A 346 -0.55 14.13 -10.38
CA ILE A 346 -0.88 12.78 -9.94
C ILE A 346 -1.94 12.79 -8.83
N LEU A 347 -1.89 13.76 -7.93
CA LEU A 347 -2.85 13.82 -6.84
C LEU A 347 -4.29 14.07 -7.31
N ARG A 348 -4.45 14.99 -8.24
CA ARG A 348 -5.76 15.32 -8.77
C ARG A 348 -6.28 14.11 -9.56
N TYR A 349 -5.38 13.44 -10.27
CA TYR A 349 -5.73 12.26 -11.03
C TYR A 349 -6.18 11.18 -10.03
N ALA A 350 -5.44 11.05 -8.94
CA ALA A 350 -5.77 10.06 -7.92
C ALA A 350 -7.15 10.32 -7.34
N HIS A 351 -7.49 11.60 -7.16
CA HIS A 351 -8.78 11.98 -6.61
C HIS A 351 -9.93 11.67 -7.58
N MET A 352 -9.66 11.79 -8.87
CA MET A 352 -10.68 11.49 -9.89
C MET A 352 -11.11 10.02 -9.79
N VAL A 353 -10.15 9.13 -9.59
CA VAL A 353 -10.41 7.70 -9.49
C VAL A 353 -10.90 7.24 -8.09
N ASN A 354 -10.36 7.83 -7.02
CA ASN A 354 -10.76 7.41 -5.68
C ASN A 354 -11.88 8.23 -5.03
N GLY A 355 -12.07 9.47 -5.48
CA GLY A 355 -13.09 10.29 -4.86
C GLY A 355 -12.87 10.38 -3.36
N PHE A 356 -11.72 10.91 -2.98
CA PHE A 356 -11.36 11.05 -1.57
C PHE A 356 -12.34 11.97 -0.85
N THR A 357 -12.72 11.63 0.37
CA THR A 357 -13.62 12.48 1.13
C THR A 357 -12.84 13.53 1.97
N ALA A 358 -11.58 13.20 2.27
CA ALA A 358 -10.70 14.07 3.04
C ALA A 358 -9.27 13.52 2.91
N LEU A 359 -8.28 14.36 3.20
CA LEU A 359 -6.88 13.96 3.09
C LEU A 359 -6.10 13.90 4.41
N ALA A 360 -4.97 13.21 4.36
CA ALA A 360 -4.06 13.12 5.48
C ALA A 360 -2.74 13.56 4.85
N LEU A 361 -2.31 14.79 5.17
CA LEU A 361 -1.06 15.34 4.64
C LEU A 361 0.04 15.00 5.62
N THR A 362 0.88 14.06 5.20
CA THR A 362 1.96 13.54 6.03
C THR A 362 3.33 14.10 5.77
N LYS A 363 4.19 13.91 6.78
CA LYS A 363 5.59 14.33 6.75
C LYS A 363 5.76 15.81 6.45
N LEU A 364 4.89 16.63 7.01
CA LEU A 364 4.98 18.07 6.80
C LEU A 364 6.27 18.58 7.46
N ASP A 365 6.63 17.99 8.59
CA ASP A 365 7.83 18.35 9.34
C ASP A 365 9.14 18.16 8.57
N ILE A 366 9.14 17.30 7.56
CA ILE A 366 10.35 17.09 6.78
C ILE A 366 10.74 18.40 6.13
N LEU A 367 9.73 19.21 5.82
CA LEU A 367 9.92 20.49 5.13
C LEU A 367 10.25 21.67 6.05
N ASP A 368 10.26 21.43 7.34
CA ASP A 368 10.54 22.48 8.31
C ASP A 368 11.75 23.33 8.01
N VAL A 369 12.77 22.75 7.36
CA VAL A 369 14.01 23.47 7.10
C VAL A 369 14.17 24.18 5.78
N LEU A 370 13.29 23.92 4.82
CA LEU A 370 13.41 24.58 3.52
C LEU A 370 12.97 26.04 3.56
N SER A 371 13.70 26.91 2.87
CA SER A 371 13.35 28.32 2.83
C SER A 371 12.20 28.50 1.85
N GLU A 372 12.20 27.67 0.82
CA GLU A 372 11.13 27.69 -0.16
C GLU A 372 10.84 26.26 -0.61
N ILE A 373 9.60 26.02 -1.05
CA ILE A 373 9.17 24.70 -1.45
C ILE A 373 8.43 24.74 -2.78
N LYS A 374 9.01 24.09 -3.79
CA LYS A 374 8.39 24.06 -5.12
C LYS A 374 7.33 22.97 -5.16
N VAL A 375 6.23 23.26 -5.85
CA VAL A 375 5.13 22.30 -5.99
C VAL A 375 4.67 22.21 -7.44
N GLY A 376 4.76 21.02 -8.03
CA GLY A 376 4.33 20.85 -9.41
C GLY A 376 2.83 21.02 -9.54
N ILE A 377 2.41 21.83 -10.51
CA ILE A 377 0.98 22.10 -10.73
C ILE A 377 0.46 21.58 -12.08
N SER A 378 1.33 21.49 -13.08
CA SER A 378 0.91 20.99 -14.39
C SER A 378 2.09 20.45 -15.17
N TYR A 379 1.80 19.74 -16.25
CA TYR A 379 2.84 19.18 -17.11
C TYR A 379 2.75 19.88 -18.46
N LYS A 380 3.87 19.93 -19.18
CA LYS A 380 3.95 20.56 -20.50
C LYS A 380 4.78 19.68 -21.39
N LEU A 381 4.23 19.25 -22.52
CA LEU A 381 4.99 18.38 -23.41
C LEU A 381 5.70 19.16 -24.52
N ASN A 382 4.93 19.84 -25.36
CA ASN A 382 5.51 20.61 -26.46
C ASN A 382 5.37 22.10 -26.14
N GLY A 383 5.84 22.49 -24.96
CA GLY A 383 5.72 23.88 -24.55
C GLY A 383 4.27 24.08 -24.18
N LYS A 384 3.44 23.10 -24.55
CA LYS A 384 2.01 23.11 -24.30
C LYS A 384 1.65 22.26 -23.09
N ARG A 385 0.71 22.76 -22.28
CA ARG A 385 0.25 22.04 -21.10
C ARG A 385 -0.64 20.88 -21.50
N ILE A 386 -0.58 19.81 -20.73
CA ILE A 386 -1.40 18.62 -20.97
C ILE A 386 -2.74 18.80 -20.28
N PRO A 387 -3.85 18.40 -20.95
CA PRO A 387 -5.20 18.53 -20.39
C PRO A 387 -5.46 17.51 -19.31
N TYR A 388 -4.68 16.43 -19.30
CA TYR A 388 -4.87 15.41 -18.29
C TYR A 388 -3.72 14.44 -18.16
N PHE A 389 -3.68 13.75 -17.02
CA PHE A 389 -2.63 12.78 -16.75
C PHE A 389 -2.56 11.74 -17.85
N PRO A 390 -1.39 11.64 -18.51
CA PRO A 390 -1.12 10.70 -19.61
C PRO A 390 -1.33 9.23 -19.28
N ALA A 391 -1.97 8.51 -20.18
CA ALA A 391 -2.19 7.09 -20.00
C ALA A 391 -0.86 6.43 -20.33
N ASN A 392 -0.14 7.01 -21.29
CA ASN A 392 1.16 6.49 -21.69
C ASN A 392 2.24 7.04 -20.78
N GLN A 393 2.89 6.14 -20.05
CA GLN A 393 3.94 6.48 -19.10
C GLN A 393 5.17 7.11 -19.74
N GLU A 394 5.44 6.79 -20.99
CA GLU A 394 6.60 7.36 -21.66
C GLU A 394 6.37 8.83 -21.97
N ILE A 395 5.12 9.21 -22.26
CA ILE A 395 4.79 10.60 -22.53
C ILE A 395 5.19 11.39 -21.29
N LEU A 396 4.99 10.75 -20.14
CA LEU A 396 5.28 11.30 -18.82
C LEU A 396 6.77 11.56 -18.63
N GLN A 397 7.60 10.74 -19.27
CA GLN A 397 9.04 10.88 -19.18
C GLN A 397 9.54 11.98 -20.11
N LYS A 398 8.62 12.72 -20.72
CA LYS A 398 9.02 13.76 -21.64
C LYS A 398 8.39 15.11 -21.27
N VAL A 399 7.50 15.10 -20.29
CA VAL A 399 6.84 16.33 -19.88
C VAL A 399 7.78 17.20 -19.06
N GLU A 400 7.51 18.51 -19.09
CA GLU A 400 8.30 19.47 -18.35
C GLU A 400 7.33 20.12 -17.38
N VAL A 401 7.40 19.72 -16.13
CA VAL A 401 6.50 20.25 -15.12
C VAL A 401 6.77 21.71 -14.80
N GLU A 402 5.71 22.46 -14.54
CA GLU A 402 5.82 23.86 -14.18
C GLU A 402 5.48 23.92 -12.70
N TYR A 403 6.32 24.58 -11.92
CA TYR A 403 6.12 24.66 -10.47
C TYR A 403 5.49 25.92 -9.91
N GLU A 404 5.25 25.88 -8.60
CA GLU A 404 4.67 27.01 -7.88
C GLU A 404 5.45 27.12 -6.58
N THR A 405 6.52 27.91 -6.61
CA THR A 405 7.37 28.06 -5.43
C THR A 405 6.66 28.69 -4.24
N LEU A 406 6.60 27.96 -3.14
CA LEU A 406 5.97 28.49 -1.93
C LEU A 406 7.05 28.80 -0.90
N PRO A 407 6.77 29.71 0.03
CA PRO A 407 7.72 30.10 1.09
C PRO A 407 7.72 29.13 2.28
N GLY A 408 8.90 28.64 2.65
CA GLY A 408 8.98 27.73 3.77
C GLY A 408 8.67 28.46 5.06
N TRP A 409 8.50 27.73 6.15
CA TRP A 409 8.23 28.34 7.43
C TRP A 409 9.47 28.34 8.33
N LYS A 410 10.47 27.55 7.94
CA LYS A 410 11.73 27.46 8.68
C LYS A 410 11.55 27.49 10.19
N ALA A 411 10.74 26.56 10.67
CA ALA A 411 10.44 26.42 12.09
C ALA A 411 10.13 24.95 12.34
N ASP A 412 10.32 24.47 13.57
CA ASP A 412 10.05 23.09 13.91
C ASP A 412 8.58 22.87 14.22
N THR A 413 7.93 22.00 13.44
CA THR A 413 6.51 21.72 13.62
C THR A 413 6.28 20.35 14.25
N THR A 414 7.34 19.59 14.47
CA THR A 414 7.24 18.26 15.03
C THR A 414 6.47 18.24 16.37
N GLY A 415 6.35 19.42 16.96
CA GLY A 415 5.68 19.52 18.25
C GLY A 415 4.24 19.96 18.17
N ALA A 416 3.81 20.49 17.03
CA ALA A 416 2.44 20.94 16.85
C ALA A 416 1.43 19.81 17.07
N ARG A 417 0.29 20.16 17.67
CA ARG A 417 -0.77 19.20 17.95
C ARG A 417 -2.12 19.82 17.64
N LYS A 418 -2.10 21.10 17.28
CA LYS A 418 -3.30 21.85 16.96
C LYS A 418 -3.03 22.68 15.72
N TRP A 419 -4.09 23.10 15.05
CA TRP A 419 -3.97 23.89 13.85
C TRP A 419 -3.24 25.21 14.04
N GLU A 420 -3.34 25.78 15.23
CA GLU A 420 -2.70 27.06 15.50
C GLU A 420 -1.21 26.94 15.79
N ASP A 421 -0.80 25.78 16.31
CA ASP A 421 0.61 25.57 16.61
C ASP A 421 1.41 25.77 15.34
N LEU A 422 0.87 25.33 14.21
CA LEU A 422 1.57 25.49 12.94
C LEU A 422 1.81 26.96 12.65
N PRO A 423 2.98 27.29 12.09
CA PRO A 423 3.26 28.68 11.76
C PRO A 423 2.52 29.07 10.49
N PRO A 424 2.47 30.37 10.19
CA PRO A 424 1.80 30.92 9.01
C PRO A 424 2.04 30.22 7.67
N GLN A 425 3.30 30.09 7.26
CA GLN A 425 3.65 29.47 5.98
C GLN A 425 3.38 27.96 5.94
N ALA A 426 3.22 27.36 7.10
CA ALA A 426 2.94 25.94 7.17
C ALA A 426 1.45 25.80 6.86
N GLN A 427 0.67 26.71 7.44
CA GLN A 427 -0.77 26.71 7.22
C GLN A 427 -1.08 26.98 5.77
N SER A 428 -0.31 27.86 5.16
CA SER A 428 -0.52 28.18 3.76
C SER A 428 -0.26 26.96 2.87
N TYR A 429 0.70 26.13 3.28
CA TYR A 429 1.05 24.93 2.51
C TYR A 429 -0.09 23.93 2.51
N VAL A 430 -0.75 23.78 3.66
CA VAL A 430 -1.88 22.87 3.80
C VAL A 430 -3.03 23.37 2.93
N ARG A 431 -3.28 24.68 2.98
CA ARG A 431 -4.35 25.27 2.20
C ARG A 431 -4.04 25.12 0.72
N PHE A 432 -2.79 25.34 0.35
CA PHE A 432 -2.42 25.23 -1.06
C PHE A 432 -2.87 23.87 -1.57
N VAL A 433 -2.65 22.84 -0.76
CA VAL A 433 -3.03 21.48 -1.10
C VAL A 433 -4.57 21.34 -1.14
N GLU A 434 -5.24 21.80 -0.09
CA GLU A 434 -6.71 21.71 -0.07
C GLU A 434 -7.30 22.37 -1.29
N ASN A 435 -6.84 23.59 -1.58
CA ASN A 435 -7.34 24.36 -2.70
C ASN A 435 -7.11 23.76 -4.09
N HIS A 436 -5.87 23.38 -4.39
CA HIS A 436 -5.58 22.82 -5.70
C HIS A 436 -6.15 21.42 -5.95
N MET A 437 -6.68 20.79 -4.92
CA MET A 437 -7.24 19.45 -5.07
C MET A 437 -8.77 19.45 -4.92
N GLY A 438 -9.29 20.36 -4.11
CA GLY A 438 -10.72 20.44 -3.92
C GLY A 438 -11.15 19.42 -2.89
N VAL A 439 -10.20 18.99 -2.07
CA VAL A 439 -10.45 18.03 -0.99
C VAL A 439 -9.85 18.56 0.30
N ALA A 440 -10.61 18.46 1.40
CA ALA A 440 -10.15 18.95 2.68
C ALA A 440 -9.10 18.07 3.35
N VAL A 441 -8.13 18.72 3.99
CA VAL A 441 -7.08 18.01 4.72
C VAL A 441 -7.67 17.81 6.12
N LYS A 442 -7.84 16.56 6.53
CA LYS A 442 -8.41 16.30 7.84
C LYS A 442 -7.33 16.01 8.87
N TRP A 443 -6.13 15.69 8.38
CA TRP A 443 -5.02 15.39 9.27
C TRP A 443 -3.70 15.92 8.73
N VAL A 444 -2.81 16.28 9.64
CA VAL A 444 -1.48 16.74 9.27
C VAL A 444 -0.45 15.99 10.12
N GLY A 445 0.44 15.28 9.44
CA GLY A 445 1.48 14.52 10.12
C GLY A 445 2.72 15.37 10.37
N VAL A 446 3.22 15.31 11.61
CA VAL A 446 4.42 16.05 12.00
C VAL A 446 5.40 15.14 12.74
N GLY A 447 5.27 13.84 12.50
CA GLY A 447 6.15 12.86 13.14
C GLY A 447 5.65 11.48 12.79
N LYS A 448 6.42 10.45 13.10
CA LYS A 448 6.00 9.10 12.76
C LYS A 448 5.21 8.41 13.87
N SER A 449 5.24 8.99 15.07
CA SER A 449 4.53 8.44 16.21
C SER A 449 3.05 8.81 16.15
N ARG A 450 2.20 7.91 16.62
CA ARG A 450 0.77 8.14 16.60
C ARG A 450 0.30 9.52 17.08
N GLU A 451 0.96 10.05 18.10
CA GLU A 451 0.56 11.35 18.64
C GLU A 451 1.07 12.52 17.82
N SER A 452 1.95 12.24 16.86
CA SER A 452 2.49 13.30 16.03
C SER A 452 1.52 13.60 14.90
N MET A 453 0.26 13.87 15.28
CA MET A 453 -0.81 14.17 14.33
C MET A 453 -1.60 15.40 14.73
N ILE A 454 -2.20 16.05 13.73
CA ILE A 454 -3.02 17.23 13.95
C ILE A 454 -4.34 16.98 13.20
N GLN A 455 -5.45 16.89 13.92
CA GLN A 455 -6.73 16.70 13.25
C GLN A 455 -7.38 18.08 13.08
N LEU A 456 -7.55 18.49 11.83
CA LEU A 456 -8.10 19.79 11.51
C LEU A 456 -9.62 19.88 11.63
N PHE A 457 -10.29 18.75 11.82
CA PHE A 457 -11.74 18.72 11.98
C PHE A 457 -12.29 17.30 12.17
#